data_7XYR
#
_entry.id   7XYR
#
_cell.length_a   101.582
_cell.length_b   122.249
_cell.length_c   105.122
_cell.angle_alpha   90.000
_cell.angle_beta   90.000
_cell.angle_gamma   90.000
#
_symmetry.space_group_name_H-M   'C 2 2 21'
#
loop_
_entity.id
_entity.type
_entity.pdbx_description
1 polymer Beta-glucuronidase
2 non-polymer 'MAGNESIUM ION'
3 non-polymer 'SODIUM ION'
4 non-polymer GLYCEROL
5 water water
#
_entity_poly.entity_id   1
_entity_poly.type   'polypeptide(L)'
_entity_poly.pdbx_seq_one_letter_code
;MRKAHLILVGLLLSFAANATNDIPRPEYPRPQFERTTWVNLNGTWTYEFDLDDSGKKRNLPTAKELSKTITVPFCPESKL
SGVNHTDFIKKMWYQRSLPIPADWSNKKILLHFGAVDYLAEIYIDGRLVGFHNGGSSPFVIDISRIAKPGNSHNLVVSVS
DDAKSGRQACGKQSPEKNSFACFYTRVTGIWQTVWMEALSPCGLKSANTYPDIDNNQLIITPEFYQISNDQTLEVTIYDS
QKKVAQVTSKCANGSNLILPIKNIKLWSPETPHLYDISYCVKDAKGQIIDEVKSYVGMRKVHIANGKFYLNNEPYFQRLV
MNQGYYPDGIWTAPTDEALKNDILLSKEAGFNGARLHQKFFEERFHYWADKLGFITWGESPNWGMNPDDEVASRNLLSEW
IEILERDRNHPSIITWAPLTVPLSNVSSGTFARLVFDLQKLTKAIDPSRPFNDLTGSGFHFLTDIWSISTYEPDATRFAL
SLKPDKNQAAYANQPFIIGEFGGIVWETSRTKEDTWGHGGTFTNEDALFERIEKLINAIQSSGIISGFCYTQFSDIEQEK
NGIYTYDRQPKFEMERIRSIFEKIPSRPIKK
;
_entity_poly.pdbx_strand_id   A
#
# COMPACT_ATOMS: atom_id res chain seq x y z
N ILE A 23 19.80 -10.98 8.55
CA ILE A 23 18.51 -10.26 8.86
C ILE A 23 17.61 -10.19 7.62
N PRO A 24 16.38 -10.75 7.69
CA PRO A 24 15.45 -10.67 6.55
C PRO A 24 14.97 -9.23 6.28
N ARG A 25 14.62 -8.95 5.02
CA ARG A 25 14.02 -7.68 4.53
C ARG A 25 14.77 -6.52 5.18
N PRO A 26 16.11 -6.45 4.96
CA PRO A 26 16.94 -5.47 5.65
C PRO A 26 16.77 -4.04 5.10
N GLU A 27 16.09 -3.85 3.95
CA GLU A 27 16.07 -2.55 3.23
C GLU A 27 15.30 -1.48 4.03
N TYR A 28 15.59 -0.20 3.74
CA TYR A 28 14.97 0.96 4.43
C TYR A 28 13.46 0.91 4.17
N PRO A 29 12.63 0.77 5.22
CA PRO A 29 11.19 0.51 5.02
C PRO A 29 10.36 1.72 4.60
N ARG A 30 10.97 2.91 4.54
CA ARG A 30 10.27 4.17 4.19
C ARG A 30 11.11 4.99 3.23
N PRO A 31 11.31 4.51 2.00
CA PRO A 31 12.31 5.08 1.12
C PRO A 31 11.92 6.40 0.47
N GLN A 32 10.68 6.87 0.63
CA GLN A 32 10.31 8.21 0.12
C GLN A 32 10.49 9.25 1.24
N PHE A 33 10.93 8.84 2.44
CA PHE A 33 11.27 9.78 3.55
C PHE A 33 12.38 9.18 4.42
N GLU A 34 13.62 9.27 3.95
CA GLU A 34 14.71 8.37 4.45
C GLU A 34 15.74 9.14 5.28
N ARG A 35 15.97 8.73 6.53
CA ARG A 35 17.10 9.17 7.39
C ARG A 35 18.09 8.01 7.48
N THR A 36 19.31 8.28 7.93
CA THR A 36 20.38 7.26 8.06
C THR A 36 20.36 6.67 9.48
N THR A 37 19.81 7.38 10.45
CA THR A 37 19.99 7.00 11.88
C THR A 37 18.81 6.11 12.25
N TRP A 38 18.89 4.85 11.80
CA TRP A 38 17.86 3.82 12.11
C TRP A 38 18.50 2.49 12.43
N VAL A 39 17.71 1.60 13.01
CA VAL A 39 18.01 0.19 13.32
C VAL A 39 16.86 -0.69 12.76
N ASN A 40 17.23 -1.71 12.02
CA ASN A 40 16.27 -2.76 11.56
C ASN A 40 16.11 -3.79 12.68
N LEU A 41 14.90 -4.02 13.18
CA LEU A 41 14.67 -4.99 14.27
C LEU A 41 14.11 -6.32 13.74
N ASN A 42 14.24 -6.61 12.44
CA ASN A 42 13.83 -7.94 11.89
C ASN A 42 14.82 -9.02 12.38
N GLY A 43 14.45 -10.28 12.22
CA GLY A 43 15.31 -11.40 12.63
C GLY A 43 14.61 -12.24 13.67
N THR A 44 15.39 -12.90 14.50
CA THR A 44 14.87 -13.89 15.45
C THR A 44 14.29 -13.16 16.66
N TRP A 45 13.00 -13.35 16.89
CA TRP A 45 12.29 -12.94 18.12
C TRP A 45 11.86 -14.23 18.81
N THR A 46 11.34 -14.14 20.02
CA THR A 46 10.64 -15.26 20.70
C THR A 46 9.14 -15.00 20.63
N TYR A 47 8.35 -16.04 20.77
CA TYR A 47 6.88 -15.96 20.66
C TYR A 47 6.24 -17.09 21.46
N GLU A 48 4.96 -16.94 21.71
CA GLU A 48 4.08 -17.96 22.33
C GLU A 48 2.68 -17.79 21.77
N PHE A 49 1.95 -18.87 21.53
CA PHE A 49 0.48 -18.85 21.38
C PHE A 49 -0.11 -18.82 22.79
N ASP A 50 -1.20 -18.08 23.01
CA ASP A 50 -1.80 -17.91 24.37
C ASP A 50 -3.27 -18.33 24.28
N LEU A 51 -3.44 -19.65 24.26
CA LEU A 51 -4.72 -20.37 24.05
C LEU A 51 -5.79 -19.92 25.07
N ASP A 52 -5.41 -19.68 26.32
CA ASP A 52 -6.41 -19.40 27.38
C ASP A 52 -6.39 -17.91 27.75
N ASP A 53 -5.68 -17.08 26.99
CA ASP A 53 -5.61 -15.62 27.24
C ASP A 53 -5.19 -15.37 28.69
N SER A 54 -4.09 -16.01 29.11
CA SER A 54 -3.58 -15.94 30.51
C SER A 54 -2.25 -15.19 30.57
N GLY A 55 -1.71 -14.74 29.43
CA GLY A 55 -0.39 -14.10 29.35
C GLY A 55 -0.16 -13.03 30.41
N LYS A 56 -1.15 -12.17 30.68
CA LYS A 56 -0.98 -11.06 31.67
C LYS A 56 -0.88 -11.67 33.06
N LYS A 57 -1.71 -12.67 33.37
CA LYS A 57 -1.64 -13.43 34.65
C LYS A 57 -0.23 -14.03 34.81
N ARG A 58 0.43 -14.48 33.74
CA ARG A 58 1.76 -15.13 33.82
C ARG A 58 2.89 -14.12 33.61
N ASN A 59 2.58 -12.82 33.69
CA ASN A 59 3.57 -11.72 33.65
C ASN A 59 4.38 -11.80 32.36
N LEU A 60 3.73 -12.13 31.23
CA LEU A 60 4.45 -12.17 29.94
C LEU A 60 5.04 -10.80 29.62
N PRO A 61 4.44 -9.64 29.99
CA PRO A 61 5.12 -8.37 29.78
C PRO A 61 6.53 -8.24 30.41
N THR A 62 6.83 -8.96 31.50
CA THR A 62 8.19 -8.94 32.12
C THR A 62 9.01 -10.16 31.70
N ALA A 63 8.52 -10.98 30.76
CA ALA A 63 9.28 -12.19 30.32
C ALA A 63 10.46 -11.77 29.46
N LYS A 64 11.64 -12.34 29.69
CA LYS A 64 12.88 -11.97 28.95
C LYS A 64 13.10 -12.96 27.80
N GLU A 65 12.28 -14.02 27.74
CA GLU A 65 12.36 -15.04 26.69
C GLU A 65 11.03 -15.81 26.65
N LEU A 66 10.38 -15.87 25.50
CA LEU A 66 9.13 -16.65 25.36
C LEU A 66 9.49 -18.08 24.93
N SER A 67 8.54 -19.00 24.91
CA SER A 67 8.84 -20.45 24.78
C SER A 67 9.42 -20.77 23.40
N LYS A 68 9.07 -20.08 22.30
CA LYS A 68 9.55 -20.52 20.96
C LYS A 68 10.11 -19.33 20.16
N THR A 69 10.67 -19.60 18.98
CA THR A 69 11.33 -18.55 18.16
C THR A 69 10.60 -18.41 16.83
N ILE A 70 10.68 -17.21 16.24
CA ILE A 70 10.01 -16.88 14.96
C ILE A 70 10.90 -15.89 14.21
N THR A 71 10.86 -15.93 12.88
CA THR A 71 11.61 -14.96 12.07
C THR A 71 10.66 -13.82 11.67
N VAL A 72 10.79 -12.69 12.36
CA VAL A 72 10.07 -11.44 12.02
C VAL A 72 10.75 -10.90 10.77
N PRO A 73 10.04 -10.40 9.73
CA PRO A 73 8.63 -10.06 9.76
C PRO A 73 7.69 -11.06 9.05
N PHE A 74 7.88 -12.36 9.25
CA PHE A 74 7.01 -13.37 8.58
C PHE A 74 5.97 -13.90 9.57
N CYS A 75 4.69 -13.86 9.18
CA CYS A 75 3.55 -14.25 10.06
C CYS A 75 3.70 -15.74 10.39
N PRO A 76 3.24 -16.25 11.56
CA PRO A 76 3.38 -17.69 11.90
C PRO A 76 2.74 -18.72 10.93
N GLU A 77 1.77 -18.32 10.08
CA GLU A 77 1.16 -19.24 9.07
C GLU A 77 2.15 -19.56 7.96
N SER A 78 3.15 -18.70 7.78
CA SER A 78 4.17 -18.73 6.70
C SER A 78 5.26 -19.78 6.98
N LYS A 79 5.87 -20.29 5.91
CA LYS A 79 7.07 -21.15 5.98
C LYS A 79 8.26 -20.29 6.41
N LEU A 80 8.33 -19.04 5.94
CA LEU A 80 9.52 -18.22 6.22
C LEU A 80 9.58 -17.81 7.70
N SER A 81 8.51 -17.95 8.45
CA SER A 81 8.48 -17.69 9.91
C SER A 81 9.26 -18.81 10.61
N GLY A 82 9.32 -19.98 9.95
CA GLY A 82 9.90 -21.20 10.56
C GLY A 82 8.87 -21.87 11.44
N VAL A 83 7.64 -21.35 11.47
CA VAL A 83 6.61 -21.80 12.43
C VAL A 83 5.56 -22.64 11.69
N ASN A 84 5.05 -22.12 10.57
CA ASN A 84 4.14 -22.85 9.66
C ASN A 84 2.89 -23.35 10.39
N HIS A 85 2.19 -22.48 11.10
CA HIS A 85 0.96 -22.84 11.86
C HIS A 85 -0.19 -22.11 11.17
N THR A 86 -0.89 -22.79 10.23
CA THR A 86 -1.97 -22.15 9.41
C THR A 86 -3.30 -22.09 10.18
N ASP A 87 -3.52 -22.87 11.24
CA ASP A 87 -4.81 -22.80 11.98
C ASP A 87 -4.98 -21.42 12.64
N PHE A 88 -6.23 -21.07 12.95
CA PHE A 88 -6.60 -19.81 13.63
C PHE A 88 -5.68 -19.61 14.84
N ILE A 89 -5.18 -18.38 14.99
CA ILE A 89 -4.41 -17.93 16.17
C ILE A 89 -5.15 -16.73 16.74
N LYS A 90 -5.75 -16.86 17.93
CA LYS A 90 -6.63 -15.79 18.44
C LYS A 90 -5.81 -14.80 19.30
N LYS A 91 -4.75 -15.29 19.94
CA LYS A 91 -3.94 -14.47 20.88
C LYS A 91 -2.52 -14.99 20.86
N MET A 92 -1.56 -14.10 20.66
CA MET A 92 -0.15 -14.50 20.68
C MET A 92 0.71 -13.37 21.21
N TRP A 93 1.92 -13.72 21.61
CA TRP A 93 2.90 -12.80 22.24
C TRP A 93 4.21 -12.93 21.49
N TYR A 94 4.86 -11.80 21.28
CA TYR A 94 6.20 -11.66 20.68
C TYR A 94 7.12 -11.03 21.72
N GLN A 95 8.42 -11.30 21.64
CA GLN A 95 9.41 -10.69 22.60
C GLN A 95 10.77 -10.63 21.95
N ARG A 96 11.51 -9.56 22.22
CA ARG A 96 12.96 -9.45 21.94
C ARG A 96 13.55 -8.37 22.86
N SER A 97 14.87 -8.39 22.95
CA SER A 97 15.72 -7.36 23.61
C SER A 97 15.78 -6.13 22.69
N LEU A 98 15.69 -4.93 23.24
CA LEU A 98 15.69 -3.68 22.43
C LEU A 98 16.92 -2.86 22.82
N PRO A 99 18.06 -3.03 22.13
CA PRO A 99 19.26 -2.25 22.42
C PRO A 99 19.15 -0.86 21.79
N ILE A 100 19.35 0.18 22.59
CA ILE A 100 19.29 1.58 22.08
C ILE A 100 20.74 2.01 21.89
N PRO A 101 21.16 2.40 20.67
CA PRO A 101 22.52 2.86 20.44
C PRO A 101 22.90 4.06 21.31
N ALA A 102 24.14 4.05 21.80
CA ALA A 102 24.70 5.06 22.72
C ALA A 102 24.67 6.43 22.06
N ASP A 103 24.99 6.55 20.75
CA ASP A 103 25.11 7.90 20.15
C ASP A 103 23.71 8.44 19.75
N TRP A 104 22.62 7.80 20.17
CA TRP A 104 21.24 8.37 20.08
C TRP A 104 20.95 9.27 21.31
N SER A 105 21.98 9.70 22.02
CA SER A 105 21.85 10.52 23.26
C SER A 105 21.00 11.75 22.97
N ASN A 106 20.03 12.06 23.83
CA ASN A 106 19.28 13.34 23.77
C ASN A 106 18.51 13.47 22.45
N LYS A 107 18.25 12.37 21.75
CA LYS A 107 17.45 12.42 20.50
C LYS A 107 15.99 12.05 20.76
N LYS A 108 15.13 12.46 19.85
CA LYS A 108 13.79 11.82 19.75
C LYS A 108 13.99 10.40 19.21
N ILE A 109 13.42 9.40 19.89
CA ILE A 109 13.54 7.96 19.49
C ILE A 109 12.14 7.38 19.21
N LEU A 110 11.94 6.89 17.98
CA LEU A 110 10.62 6.36 17.51
C LEU A 110 10.73 4.85 17.25
N LEU A 111 9.76 4.10 17.75
CA LEU A 111 9.61 2.65 17.42
C LEU A 111 8.44 2.49 16.45
N HIS A 112 8.72 1.90 15.29
CA HIS A 112 7.84 1.77 14.11
C HIS A 112 7.48 0.31 13.85
N PHE A 113 6.21 0.05 13.64
CA PHE A 113 5.68 -1.27 13.18
C PHE A 113 4.95 -1.02 11.87
N GLY A 114 5.34 -1.71 10.80
CA GLY A 114 4.67 -1.59 9.50
C GLY A 114 3.21 -2.04 9.57
N ALA A 115 2.99 -3.17 10.21
CA ALA A 115 1.67 -3.80 10.32
C ALA A 115 1.74 -4.96 11.32
N VAL A 116 0.70 -5.11 12.11
CA VAL A 116 0.52 -6.23 13.06
C VAL A 116 -0.96 -6.57 13.05
N ASP A 117 -1.32 -7.78 12.64
CA ASP A 117 -2.74 -8.18 12.53
C ASP A 117 -3.17 -8.90 13.80
N TYR A 118 -4.13 -8.37 14.60
CA TYR A 118 -5.01 -7.27 14.25
C TYR A 118 -4.89 -6.11 15.27
N LEU A 119 -4.98 -6.46 16.56
CA LEU A 119 -4.85 -5.52 17.70
C LEU A 119 -3.54 -5.80 18.44
N ALA A 120 -2.70 -4.77 18.56
CA ALA A 120 -1.35 -4.84 19.14
C ALA A 120 -1.30 -3.98 20.41
N GLU A 121 -0.77 -4.55 21.49
CA GLU A 121 -0.45 -3.83 22.72
C GLU A 121 1.04 -3.95 22.91
N ILE A 122 1.71 -2.81 23.06
CA ILE A 122 3.20 -2.73 23.08
C ILE A 122 3.62 -2.49 24.53
N TYR A 123 4.50 -3.36 25.04
CA TYR A 123 5.13 -3.24 26.37
C TYR A 123 6.63 -2.96 26.22
N ILE A 124 7.12 -2.03 27.02
CA ILE A 124 8.58 -1.85 27.22
C ILE A 124 8.89 -1.92 28.71
N ASP A 125 9.85 -2.78 29.07
CA ASP A 125 10.33 -3.03 30.46
C ASP A 125 9.12 -3.34 31.33
N GLY A 126 8.09 -3.96 30.76
CA GLY A 126 6.90 -4.44 31.48
C GLY A 126 5.79 -3.42 31.58
N ARG A 127 5.97 -2.20 31.06
CA ARG A 127 4.95 -1.11 31.09
C ARG A 127 4.27 -0.96 29.72
N LEU A 128 2.93 -0.78 29.69
CA LEU A 128 2.15 -0.58 28.44
C LEU A 128 2.49 0.81 27.89
N VAL A 129 3.10 0.88 26.71
CA VAL A 129 3.56 2.16 26.12
C VAL A 129 2.69 2.53 24.89
N GLY A 130 1.87 1.61 24.38
CA GLY A 130 1.08 1.96 23.19
C GLY A 130 0.19 0.83 22.74
N PHE A 131 -0.70 1.12 21.81
CA PHE A 131 -1.61 0.10 21.26
C PHE A 131 -2.08 0.56 19.89
N HIS A 132 -2.45 -0.41 19.05
CA HIS A 132 -2.92 -0.12 17.69
C HIS A 132 -4.02 -1.11 17.32
N ASN A 133 -5.15 -0.54 16.88
CA ASN A 133 -6.29 -1.27 16.29
C ASN A 133 -6.15 -1.14 14.77
N GLY A 134 -6.10 -2.25 14.05
CA GLY A 134 -5.99 -2.23 12.58
C GLY A 134 -4.86 -3.11 12.13
N GLY A 135 -5.15 -4.20 11.45
CA GLY A 135 -4.16 -5.25 11.19
C GLY A 135 -3.31 -4.97 9.98
N SER A 136 -3.59 -3.90 9.24
CA SER A 136 -2.96 -3.70 7.92
C SER A 136 -2.25 -2.36 7.78
N SER A 137 -2.15 -1.57 8.84
CA SER A 137 -1.73 -0.15 8.80
C SER A 137 -0.57 0.08 9.78
N PRO A 138 0.35 1.01 9.47
CA PRO A 138 1.48 1.26 10.34
C PRO A 138 1.11 2.10 11.58
N PHE A 139 1.96 2.00 12.59
CA PHE A 139 1.88 2.85 13.80
C PHE A 139 3.28 3.10 14.35
N VAL A 140 3.37 4.10 15.22
CA VAL A 140 4.68 4.55 15.77
C VAL A 140 4.48 4.87 17.24
N ILE A 141 5.49 4.57 18.04
CA ILE A 141 5.46 4.94 19.48
C ILE A 141 6.67 5.82 19.74
N ASP A 142 6.42 7.00 20.31
CA ASP A 142 7.51 7.92 20.72
C ASP A 142 8.09 7.39 22.03
N ILE A 143 9.25 6.73 22.01
CA ILE A 143 9.85 6.18 23.26
C ILE A 143 10.94 7.13 23.81
N SER A 144 10.90 8.42 23.45
CA SER A 144 11.98 9.38 23.80
C SER A 144 12.19 9.45 25.31
N ARG A 145 11.12 9.39 26.09
CA ARG A 145 11.12 9.60 27.55
C ARG A 145 11.61 8.33 28.25
N ILE A 146 11.47 7.15 27.64
CA ILE A 146 11.71 5.83 28.33
C ILE A 146 13.07 5.24 27.89
N ALA A 147 13.46 5.47 26.65
CA ALA A 147 14.64 4.86 26.00
C ALA A 147 15.89 5.39 26.68
N LYS A 148 16.83 4.50 26.98
CA LYS A 148 18.10 4.82 27.68
C LYS A 148 19.21 4.41 26.76
N PRO A 149 19.65 5.31 25.86
CA PRO A 149 20.77 5.00 24.98
C PRO A 149 21.94 4.38 25.75
N GLY A 150 22.61 3.46 25.06
CA GLY A 150 23.70 2.61 25.58
C GLY A 150 23.16 1.54 26.48
N ASN A 151 21.83 1.35 26.54
CA ASN A 151 21.22 0.27 27.35
C ASN A 151 20.22 -0.52 26.48
N SER A 152 19.76 -1.66 27.01
CA SER A 152 18.79 -2.60 26.38
C SER A 152 17.53 -2.68 27.22
N HIS A 153 16.37 -2.56 26.57
CA HIS A 153 15.04 -2.70 27.21
C HIS A 153 14.45 -4.06 26.81
N ASN A 154 13.37 -4.42 27.46
CA ASN A 154 12.61 -5.66 27.14
C ASN A 154 11.34 -5.26 26.38
N LEU A 155 11.25 -5.58 25.08
CA LEU A 155 10.08 -5.29 24.22
C LEU A 155 9.19 -6.52 24.14
N VAL A 156 7.94 -6.37 24.54
CA VAL A 156 6.94 -7.46 24.49
C VAL A 156 5.71 -6.92 23.78
N VAL A 157 5.23 -7.67 22.79
CA VAL A 157 4.04 -7.30 21.96
C VAL A 157 2.96 -8.35 22.16
N SER A 158 1.80 -7.92 22.62
CA SER A 158 0.55 -8.73 22.71
C SER A 158 -0.27 -8.53 21.41
N VAL A 159 -0.77 -9.62 20.82
CA VAL A 159 -1.48 -9.59 19.50
C VAL A 159 -2.81 -10.34 19.64
N SER A 160 -3.92 -9.70 19.29
CA SER A 160 -5.27 -10.30 19.18
C SER A 160 -5.70 -10.29 17.72
N ASP A 161 -6.44 -11.33 17.32
CA ASP A 161 -6.87 -11.52 15.91
C ASP A 161 -8.07 -12.46 15.92
N ASP A 162 -9.25 -11.89 15.70
CA ASP A 162 -10.56 -12.59 15.84
C ASP A 162 -11.48 -12.07 14.72
N ALA A 163 -11.28 -12.51 13.48
CA ALA A 163 -12.11 -12.12 12.31
C ALA A 163 -13.59 -12.46 12.55
N LYS A 164 -13.87 -13.50 13.34
CA LYS A 164 -15.27 -13.90 13.69
C LYS A 164 -16.00 -12.77 14.39
N SER A 165 -15.30 -11.81 15.01
CA SER A 165 -15.95 -10.61 15.61
C SER A 165 -16.78 -9.82 14.58
N GLY A 166 -16.41 -9.86 13.31
CA GLY A 166 -17.01 -9.00 12.27
C GLY A 166 -16.47 -7.57 12.29
N ARG A 167 -15.48 -7.25 13.13
CA ARG A 167 -14.98 -5.86 13.31
C ARG A 167 -13.74 -5.58 12.44
N GLN A 168 -13.15 -6.61 11.84
CA GLN A 168 -11.82 -6.53 11.17
C GLN A 168 -11.95 -6.48 9.64
N ALA A 169 -11.15 -5.61 9.03
CA ALA A 169 -10.89 -5.65 7.58
C ALA A 169 -9.88 -6.79 7.36
N CYS A 170 -10.29 -7.87 6.69
CA CYS A 170 -9.50 -9.13 6.58
C CYS A 170 -8.96 -9.33 5.16
N GLY A 171 -9.49 -8.65 4.15
CA GLY A 171 -9.13 -8.94 2.76
C GLY A 171 -9.50 -10.36 2.37
N LYS A 172 -8.57 -11.11 1.77
CA LYS A 172 -8.87 -12.48 1.25
C LYS A 172 -8.54 -13.58 2.28
N GLN A 173 -8.20 -13.24 3.53
CA GLN A 173 -7.88 -14.25 4.56
C GLN A 173 -9.12 -15.14 4.74
N SER A 174 -8.96 -16.46 4.69
CA SER A 174 -10.11 -17.38 4.72
C SER A 174 -10.83 -17.25 6.06
N PRO A 175 -12.17 -17.09 6.04
CA PRO A 175 -12.99 -17.24 7.25
C PRO A 175 -13.24 -18.71 7.62
N GLU A 176 -12.88 -19.63 6.72
CA GLU A 176 -12.92 -21.08 7.02
C GLU A 176 -11.51 -21.50 7.44
N LYS A 177 -11.36 -22.64 8.09
CA LYS A 177 -10.05 -23.16 8.51
C LYS A 177 -9.13 -23.33 7.30
N ASN A 178 -9.66 -23.88 6.21
CA ASN A 178 -8.87 -24.14 4.99
C ASN A 178 -9.15 -23.03 3.97
N SER A 179 -8.22 -22.84 3.05
CA SER A 179 -8.42 -21.98 1.86
C SER A 179 -9.40 -22.67 0.91
N PHE A 180 -10.28 -21.88 0.29
CA PHE A 180 -11.31 -22.33 -0.67
C PHE A 180 -11.78 -21.13 -1.49
N ALA A 181 -12.37 -21.39 -2.66
CA ALA A 181 -13.02 -20.39 -3.53
C ALA A 181 -11.96 -19.34 -3.87
N CYS A 182 -12.18 -18.06 -3.51
CA CYS A 182 -11.19 -16.98 -3.76
C CYS A 182 -10.53 -16.54 -2.45
N PHE A 183 -10.54 -17.38 -1.42
CA PHE A 183 -9.95 -17.09 -0.10
C PHE A 183 -8.70 -17.95 0.13
N TYR A 184 -7.75 -17.38 0.88
CA TYR A 184 -6.38 -17.91 1.04
C TYR A 184 -5.94 -17.94 2.51
N THR A 185 -4.68 -18.26 2.72
CA THR A 185 -4.04 -18.43 4.05
C THR A 185 -4.16 -17.13 4.86
N ARG A 186 -4.33 -17.29 6.16
CA ARG A 186 -4.41 -16.16 7.14
C ARG A 186 -3.02 -15.56 7.40
N VAL A 187 -3.02 -14.35 7.96
CA VAL A 187 -1.80 -13.60 8.39
C VAL A 187 -2.01 -13.05 9.79
N THR A 188 -1.40 -13.68 10.79
CA THR A 188 -1.43 -13.20 12.18
C THR A 188 -0.13 -12.46 12.54
N GLY A 189 -0.27 -11.44 13.38
CA GLY A 189 0.85 -10.77 14.05
C GLY A 189 1.70 -9.97 13.10
N ILE A 190 3.00 -9.99 13.34
CA ILE A 190 3.94 -9.02 12.72
C ILE A 190 4.27 -9.48 11.30
N TRP A 191 3.84 -8.72 10.30
CA TRP A 191 4.02 -9.14 8.89
C TRP A 191 4.72 -8.04 8.10
N GLN A 192 5.21 -7.01 8.78
CA GLN A 192 6.07 -6.01 8.10
C GLN A 192 7.24 -5.69 9.01
N THR A 193 8.25 -5.06 8.43
CA THR A 193 9.50 -4.68 9.11
C THR A 193 9.18 -3.86 10.36
N VAL A 194 9.81 -4.24 11.46
CA VAL A 194 9.85 -3.49 12.73
C VAL A 194 11.19 -2.76 12.74
N TRP A 195 11.16 -1.50 13.16
CA TRP A 195 12.39 -0.68 13.15
C TRP A 195 12.27 0.52 14.10
N MET A 196 13.41 1.15 14.36
CA MET A 196 13.55 2.30 15.26
C MET A 196 14.32 3.36 14.51
N GLU A 197 14.12 4.62 14.86
CA GLU A 197 14.97 5.70 14.35
C GLU A 197 15.18 6.73 15.46
N ALA A 198 16.24 7.52 15.32
CA ALA A 198 16.53 8.66 16.21
C ALA A 198 16.70 9.92 15.39
N LEU A 199 16.27 11.04 15.95
CA LEU A 199 16.32 12.34 15.25
C LEU A 199 16.30 13.47 16.27
N SER A 200 16.63 14.66 15.79
CA SER A 200 16.45 15.92 16.54
C SER A 200 14.99 16.01 17.03
N PRO A 201 14.76 16.34 18.32
CA PRO A 201 13.43 16.68 18.82
C PRO A 201 12.72 17.78 18.01
N CYS A 202 13.49 18.55 17.22
CA CYS A 202 12.98 19.65 16.36
C CYS A 202 13.09 19.29 14.88
N GLY A 203 13.21 18.01 14.54
CA GLY A 203 13.34 17.61 13.13
C GLY A 203 12.03 17.65 12.36
N LEU A 204 12.10 17.21 11.11
CA LEU A 204 11.03 17.13 10.11
C LEU A 204 10.21 15.83 10.32
N LYS A 205 8.94 15.97 10.69
CA LYS A 205 8.05 14.81 10.92
C LYS A 205 7.61 14.28 9.56
N SER A 206 7.27 15.16 8.64
CA SER A 206 6.86 14.74 7.28
C SER A 206 6.97 15.91 6.32
N ALA A 207 6.86 15.59 5.03
CA ALA A 207 6.76 16.60 3.95
C ALA A 207 5.84 16.08 2.87
N ASN A 208 4.66 16.70 2.71
CA ASN A 208 3.76 16.39 1.57
C ASN A 208 4.31 17.05 0.30
N THR A 209 4.41 16.29 -0.79
CA THR A 209 4.83 16.80 -2.12
C THR A 209 3.59 16.92 -3.00
N TYR A 210 3.36 18.09 -3.58
CA TYR A 210 2.26 18.34 -4.55
C TYR A 210 2.86 18.70 -5.91
N PRO A 211 2.95 17.76 -6.88
CA PRO A 211 3.39 18.12 -8.22
C PRO A 211 2.33 18.96 -8.94
N ASP A 212 2.72 20.13 -9.45
CA ASP A 212 1.83 21.05 -10.18
C ASP A 212 2.39 21.31 -11.58
N ILE A 213 2.11 20.42 -12.54
CA ILE A 213 2.72 20.48 -13.90
C ILE A 213 2.16 21.67 -14.69
N ASP A 214 0.94 22.13 -14.37
CA ASP A 214 0.31 23.28 -15.08
C ASP A 214 1.01 24.57 -14.67
N ASN A 215 1.65 24.64 -13.50
CA ASN A 215 2.31 25.88 -13.04
C ASN A 215 3.84 25.69 -12.97
N ASN A 216 4.34 24.61 -13.57
CA ASN A 216 5.78 24.28 -13.67
C ASN A 216 6.45 24.40 -12.30
N GLN A 217 5.92 23.74 -11.27
CA GLN A 217 6.48 23.89 -9.92
C GLN A 217 6.10 22.68 -9.05
N LEU A 218 6.85 22.52 -7.98
CA LEU A 218 6.56 21.52 -6.92
C LEU A 218 6.25 22.29 -5.65
N ILE A 219 5.10 22.02 -5.04
CA ILE A 219 4.77 22.60 -3.71
C ILE A 219 5.09 21.57 -2.63
N ILE A 220 5.74 22.00 -1.56
CA ILE A 220 6.04 21.15 -0.37
C ILE A 220 5.44 21.81 0.87
N THR A 221 4.64 21.03 1.59
CA THR A 221 4.07 21.41 2.90
C THR A 221 4.77 20.62 3.98
N PRO A 222 5.66 21.24 4.79
CA PRO A 222 6.34 20.52 5.86
C PRO A 222 5.56 20.48 7.18
N GLU A 223 5.94 19.53 8.01
CA GLU A 223 5.51 19.44 9.41
C GLU A 223 6.72 19.09 10.26
N PHE A 224 6.92 19.84 11.34
CA PHE A 224 8.03 19.64 12.32
C PHE A 224 7.48 19.09 13.62
N TYR A 225 8.25 18.24 14.29
CA TYR A 225 7.90 17.78 15.66
C TYR A 225 7.87 18.96 16.62
N GLN A 226 8.76 19.93 16.43
CA GLN A 226 8.97 21.10 17.31
C GLN A 226 9.79 22.11 16.54
N ILE A 227 9.61 23.39 16.82
CA ILE A 227 10.35 24.46 16.10
C ILE A 227 10.96 25.36 17.15
N SER A 228 12.30 25.50 17.15
CA SER A 228 13.04 26.33 18.13
C SER A 228 13.33 27.73 17.55
N ASN A 229 14.20 28.50 18.23
CA ASN A 229 14.43 29.98 18.05
C ASN A 229 14.36 30.39 16.59
N ASP A 230 15.46 30.27 15.86
CA ASP A 230 15.59 30.80 14.47
C ASP A 230 15.89 29.59 13.60
N GLN A 231 14.93 28.67 13.52
CA GLN A 231 15.10 27.37 12.84
C GLN A 231 14.65 27.54 11.38
N THR A 232 15.45 27.01 10.45
CA THR A 232 15.15 27.05 9.00
C THR A 232 15.15 25.64 8.42
N LEU A 233 14.45 25.50 7.30
CA LEU A 233 14.45 24.28 6.46
C LEU A 233 14.94 24.67 5.07
N GLU A 234 15.94 23.96 4.56
CA GLU A 234 16.39 24.14 3.16
C GLU A 234 15.99 22.93 2.31
N VAL A 235 15.36 23.18 1.17
CA VAL A 235 14.87 22.13 0.25
C VAL A 235 15.67 22.28 -1.05
N THR A 236 16.33 21.21 -1.49
CA THR A 236 17.01 21.15 -2.81
C THR A 236 16.41 20.01 -3.65
N ILE A 237 16.11 20.31 -4.90
CA ILE A 237 15.56 19.35 -5.90
C ILE A 237 16.67 19.01 -6.88
N TYR A 238 16.80 17.74 -7.25
CA TYR A 238 17.84 17.24 -8.17
C TYR A 238 17.21 16.41 -9.28
N ASP A 239 17.67 16.70 -10.50
CA ASP A 239 17.59 15.77 -11.64
C ASP A 239 18.97 15.09 -11.75
N SER A 240 19.09 13.82 -11.37
CA SER A 240 20.40 13.11 -11.26
C SER A 240 21.29 13.92 -10.32
N GLN A 241 22.41 14.46 -10.79
CA GLN A 241 23.29 15.30 -9.94
C GLN A 241 22.97 16.78 -10.17
N LYS A 242 22.14 17.09 -11.17
CA LYS A 242 21.84 18.50 -11.52
C LYS A 242 20.76 19.08 -10.60
N LYS A 243 21.18 20.02 -9.73
CA LYS A 243 20.30 20.85 -8.87
C LYS A 243 19.40 21.73 -9.76
N VAL A 244 18.08 21.51 -9.73
CA VAL A 244 17.12 22.19 -10.65
C VAL A 244 16.23 23.15 -9.86
N ALA A 245 16.30 23.16 -8.53
CA ALA A 245 15.48 24.03 -7.67
C ALA A 245 16.02 24.00 -6.25
N GLN A 246 15.90 25.12 -5.53
CA GLN A 246 16.32 25.20 -4.11
C GLN A 246 15.61 26.39 -3.46
N VAL A 247 15.21 26.26 -2.21
CA VAL A 247 14.59 27.37 -1.43
C VAL A 247 14.85 27.10 0.06
N THR A 248 15.03 28.16 0.84
CA THR A 248 15.11 28.12 2.33
C THR A 248 13.89 28.84 2.92
N SER A 249 13.44 28.42 4.10
CA SER A 249 12.28 29.05 4.76
C SER A 249 12.45 28.96 6.28
N LYS A 250 11.81 29.88 6.99
CA LYS A 250 11.71 29.83 8.47
C LYS A 250 10.65 28.77 8.77
N CYS A 251 10.91 27.90 9.72
CA CYS A 251 10.09 26.68 9.94
C CYS A 251 8.70 27.10 10.43
N ALA A 252 7.65 26.64 9.73
CA ALA A 252 6.24 26.80 10.15
C ALA A 252 5.44 25.60 9.63
N ASN A 253 4.73 24.90 10.51
CA ASN A 253 3.85 23.78 10.10
C ASN A 253 2.82 24.30 9.10
N GLY A 254 2.61 23.56 8.01
CA GLY A 254 1.52 23.78 7.06
C GLY A 254 1.77 24.98 6.13
N SER A 255 2.97 25.57 6.13
CA SER A 255 3.35 26.69 5.23
C SER A 255 3.89 26.12 3.91
N ASN A 256 3.60 26.74 2.78
CA ASN A 256 3.99 26.24 1.43
C ASN A 256 5.40 26.68 1.05
N LEU A 257 6.24 25.74 0.60
CA LEU A 257 7.53 26.06 -0.07
C LEU A 257 7.36 25.76 -1.56
N ILE A 258 7.70 26.75 -2.39
CA ILE A 258 7.51 26.72 -3.86
C ILE A 258 8.87 26.37 -4.48
N LEU A 259 8.91 25.30 -5.29
CA LEU A 259 10.13 24.88 -6.01
C LEU A 259 9.83 24.86 -7.49
N PRO A 260 10.18 25.97 -8.18
CA PRO A 260 9.94 26.09 -9.63
C PRO A 260 10.85 25.10 -10.36
N ILE A 261 10.29 24.43 -11.35
CA ILE A 261 10.99 23.42 -12.19
C ILE A 261 10.71 23.74 -13.66
N LYS A 262 11.74 24.23 -14.36
CA LYS A 262 11.72 24.49 -15.82
C LYS A 262 11.88 23.15 -16.55
N ASN A 263 11.25 22.99 -17.72
CA ASN A 263 11.44 21.78 -18.57
C ASN A 263 11.24 20.52 -17.73
N ILE A 264 10.12 20.45 -17.02
CA ILE A 264 9.73 19.28 -16.20
C ILE A 264 9.88 18.02 -17.03
N LYS A 265 10.56 17.01 -16.50
CA LYS A 265 10.52 15.63 -17.06
C LYS A 265 9.34 14.88 -16.42
N LEU A 266 8.29 14.62 -17.20
CA LEU A 266 7.02 14.06 -16.68
C LEU A 266 7.16 12.58 -16.35
N TRP A 267 6.47 12.15 -15.29
CA TRP A 267 6.42 10.72 -14.85
C TRP A 267 5.25 10.06 -15.56
N SER A 268 5.52 8.88 -16.11
CA SER A 268 4.54 7.94 -16.71
C SER A 268 5.10 6.53 -16.59
N PRO A 269 4.26 5.46 -16.71
CA PRO A 269 4.77 4.09 -16.74
C PRO A 269 5.86 3.87 -17.83
N GLU A 270 5.67 4.50 -18.97
CA GLU A 270 6.59 4.41 -20.13
C GLU A 270 7.87 5.21 -19.85
N THR A 271 7.81 6.33 -19.11
CA THR A 271 9.01 7.14 -18.79
C THR A 271 9.01 7.53 -17.30
N PRO A 272 9.41 6.62 -16.39
CA PRO A 272 9.23 6.82 -14.94
C PRO A 272 10.26 7.76 -14.31
N HIS A 273 10.34 8.97 -14.82
CA HIS A 273 11.35 9.96 -14.33
C HIS A 273 11.01 10.42 -12.91
N LEU A 274 12.00 10.40 -12.02
CA LEU A 274 11.88 10.91 -10.64
C LEU A 274 12.91 12.00 -10.39
N TYR A 275 12.53 12.98 -9.59
CA TYR A 275 13.44 14.03 -9.09
C TYR A 275 13.81 13.67 -7.66
N ASP A 276 15.06 13.87 -7.29
CA ASP A 276 15.52 13.60 -5.90
C ASP A 276 15.30 14.87 -5.09
N ILE A 277 15.07 14.70 -3.79
CA ILE A 277 14.85 15.81 -2.83
C ILE A 277 15.79 15.61 -1.66
N SER A 278 16.38 16.69 -1.15
CA SER A 278 17.07 16.69 0.15
C SER A 278 16.44 17.75 1.06
N TYR A 279 16.18 17.37 2.29
CA TYR A 279 15.57 18.22 3.33
C TYR A 279 16.65 18.45 4.36
N CYS A 280 16.95 19.73 4.63
CA CYS A 280 18.01 20.10 5.59
C CYS A 280 17.46 21.11 6.61
N VAL A 281 17.39 20.71 7.88
CA VAL A 281 16.83 21.53 8.98
C VAL A 281 18.02 22.05 9.77
N LYS A 282 18.07 23.38 9.98
CA LYS A 282 19.20 24.09 10.64
C LYS A 282 18.69 24.85 11.88
N ASP A 283 19.49 24.85 12.95
CA ASP A 283 19.21 25.60 14.20
C ASP A 283 19.68 27.06 14.02
N ALA A 284 19.50 27.88 15.06
CA ALA A 284 19.79 29.34 15.04
C ALA A 284 21.26 29.61 14.62
N LYS A 285 22.20 28.68 14.89
CA LYS A 285 23.64 28.83 14.56
C LYS A 285 23.96 28.34 13.13
N GLY A 286 22.95 27.97 12.33
CA GLY A 286 23.17 27.41 10.98
C GLY A 286 23.70 25.96 11.02
N GLN A 287 23.69 25.31 12.19
CA GLN A 287 24.14 23.91 12.35
C GLN A 287 23.00 22.95 11.94
N ILE A 288 23.33 21.91 11.18
CA ILE A 288 22.31 20.95 10.66
C ILE A 288 21.84 20.05 11.81
N ILE A 289 20.53 20.01 12.08
CA ILE A 289 20.02 19.14 13.19
C ILE A 289 19.24 17.94 12.63
N ASP A 290 18.91 17.95 11.36
CA ASP A 290 18.09 16.87 10.74
C ASP A 290 18.29 16.88 9.24
N GLU A 291 18.45 15.69 8.66
CA GLU A 291 18.59 15.51 7.21
C GLU A 291 17.73 14.34 6.76
N VAL A 292 16.90 14.60 5.76
CA VAL A 292 15.98 13.58 5.20
C VAL A 292 16.11 13.62 3.70
N LYS A 293 16.08 12.45 3.07
CA LYS A 293 16.07 12.27 1.60
C LYS A 293 14.71 11.75 1.16
N SER A 294 14.24 12.24 0.01
CA SER A 294 12.96 11.89 -0.65
C SER A 294 13.11 11.98 -2.16
N TYR A 295 12.01 11.81 -2.87
CA TYR A 295 11.92 11.92 -4.34
C TYR A 295 10.46 12.18 -4.71
N VAL A 296 10.23 12.61 -5.94
CA VAL A 296 8.87 12.88 -6.43
C VAL A 296 8.83 12.56 -7.92
N GLY A 297 7.65 12.17 -8.42
CA GLY A 297 7.39 12.03 -9.86
C GLY A 297 6.44 13.13 -10.28
N MET A 298 6.88 14.02 -11.17
CA MET A 298 6.06 15.16 -11.64
C MET A 298 4.98 14.66 -12.60
N ARG A 299 3.76 14.49 -12.08
CA ARG A 299 2.64 13.90 -12.85
C ARG A 299 1.31 14.41 -12.28
N LYS A 300 0.32 14.44 -13.16
CA LYS A 300 -1.02 15.00 -12.89
C LYS A 300 -2.01 13.96 -13.37
N VAL A 301 -3.05 13.74 -12.59
CA VAL A 301 -4.12 12.83 -13.03
C VAL A 301 -5.47 13.51 -12.74
N HIS A 302 -6.38 13.43 -13.70
CA HIS A 302 -7.73 14.02 -13.60
C HIS A 302 -8.64 13.38 -14.63
N ILE A 303 -9.95 13.45 -14.39
CA ILE A 303 -11.01 13.03 -15.35
C ILE A 303 -11.59 14.32 -15.96
N ALA A 304 -11.94 14.24 -17.24
CA ALA A 304 -12.62 15.31 -18.02
C ALA A 304 -13.25 14.72 -19.28
N ASN A 305 -14.49 15.11 -19.54
CA ASN A 305 -15.17 14.86 -20.82
C ASN A 305 -15.20 13.36 -21.13
N GLY A 306 -15.34 12.51 -20.12
CA GLY A 306 -15.56 11.07 -20.31
C GLY A 306 -14.25 10.31 -20.45
N LYS A 307 -13.11 10.98 -20.24
CA LYS A 307 -11.78 10.37 -20.42
C LYS A 307 -10.93 10.55 -19.16
N PHE A 308 -9.95 9.65 -18.97
CA PHE A 308 -8.94 9.68 -17.89
C PHE A 308 -7.65 10.26 -18.45
N TYR A 309 -7.09 11.28 -17.79
CA TYR A 309 -5.90 12.01 -18.29
C TYR A 309 -4.68 11.78 -17.40
N LEU A 310 -3.58 11.28 -17.97
CA LEU A 310 -2.25 11.32 -17.33
C LEU A 310 -1.43 12.46 -17.96
N ASN A 311 -1.09 13.47 -17.17
CA ASN A 311 -0.31 14.64 -17.64
C ASN A 311 -1.03 15.33 -18.80
N ASN A 312 -2.35 15.50 -18.70
CA ASN A 312 -3.16 16.38 -19.58
C ASN A 312 -3.33 15.72 -20.96
N GLU A 313 -3.00 14.44 -21.10
CA GLU A 313 -3.37 13.68 -22.32
C GLU A 313 -4.06 12.39 -21.91
N PRO A 314 -5.00 11.88 -22.72
CA PRO A 314 -5.66 10.62 -22.42
C PRO A 314 -4.62 9.51 -22.13
N TYR A 315 -4.99 8.57 -21.26
CA TYR A 315 -4.15 7.40 -20.90
C TYR A 315 -5.06 6.19 -20.75
N PHE A 316 -4.75 5.11 -21.46
CA PHE A 316 -5.52 3.85 -21.41
C PHE A 316 -4.89 2.95 -20.34
N GLN A 317 -5.69 2.54 -19.36
CA GLN A 317 -5.21 1.72 -18.21
C GLN A 317 -5.23 0.25 -18.63
N ARG A 318 -4.05 -0.40 -18.66
CA ARG A 318 -3.94 -1.84 -18.97
C ARG A 318 -3.49 -2.52 -17.66
N LEU A 319 -4.46 -2.85 -16.80
CA LEU A 319 -4.17 -3.25 -15.41
C LEU A 319 -4.30 -4.75 -15.29
N VAL A 320 -3.57 -5.33 -14.34
CA VAL A 320 -3.82 -6.74 -13.93
C VAL A 320 -4.17 -6.71 -12.45
N MET A 321 -5.06 -7.59 -12.02
CA MET A 321 -5.37 -7.66 -10.58
C MET A 321 -4.20 -8.32 -9.84
N ASN A 322 -3.64 -7.64 -8.85
CA ASN A 322 -2.56 -8.17 -7.97
C ASN A 322 -3.12 -8.31 -6.55
N GLN A 323 -3.18 -9.53 -6.01
CA GLN A 323 -3.74 -9.70 -4.65
C GLN A 323 -2.60 -9.85 -3.62
N GLY A 324 -1.34 -9.69 -4.02
CA GLY A 324 -0.20 -9.52 -3.11
C GLY A 324 0.05 -10.70 -2.19
N TYR A 325 -0.15 -11.93 -2.68
CA TYR A 325 0.15 -13.17 -1.91
C TYR A 325 1.40 -13.82 -2.47
N TYR A 326 2.19 -14.38 -1.56
CA TYR A 326 3.46 -15.09 -1.84
C TYR A 326 3.37 -16.45 -1.17
N PRO A 327 3.76 -17.54 -1.87
CA PRO A 327 3.65 -18.90 -1.32
C PRO A 327 4.32 -19.10 0.04
N ASP A 328 5.52 -18.56 0.21
CA ASP A 328 6.41 -18.79 1.39
C ASP A 328 6.23 -17.70 2.46
N GLY A 329 5.79 -16.47 2.10
CA GLY A 329 5.62 -15.32 3.05
C GLY A 329 4.18 -14.88 3.27
N ILE A 330 3.23 -15.44 2.53
CA ILE A 330 1.79 -15.13 2.56
C ILE A 330 1.61 -13.65 2.20
N TRP A 331 1.31 -12.76 3.15
CA TRP A 331 1.14 -11.32 2.80
C TRP A 331 2.52 -10.66 2.64
N THR A 332 3.60 -11.29 3.10
CA THR A 332 4.94 -10.67 3.16
C THR A 332 5.81 -11.19 2.01
N ALA A 333 6.30 -10.29 1.17
CA ALA A 333 7.31 -10.69 0.16
C ALA A 333 8.55 -11.30 0.83
N PRO A 334 9.13 -12.39 0.27
CA PRO A 334 10.27 -13.05 0.88
C PRO A 334 11.51 -12.17 0.86
N THR A 335 11.60 -11.29 -0.13
CA THR A 335 12.74 -10.38 -0.37
C THR A 335 12.25 -9.11 -1.04
N ASP A 336 13.08 -8.09 -1.03
CA ASP A 336 12.85 -6.85 -1.81
C ASP A 336 12.74 -7.23 -3.28
N GLU A 337 13.60 -8.13 -3.75
CA GLU A 337 13.63 -8.57 -5.17
C GLU A 337 12.25 -9.10 -5.62
N ALA A 338 11.56 -9.86 -4.75
CA ALA A 338 10.23 -10.46 -5.05
C ALA A 338 9.18 -9.36 -5.28
N LEU A 339 9.27 -8.22 -4.58
CA LEU A 339 8.34 -7.08 -4.79
C LEU A 339 8.57 -6.50 -6.18
N LYS A 340 9.82 -6.11 -6.44
CA LYS A 340 10.26 -5.55 -7.75
C LYS A 340 9.87 -6.50 -8.90
N ASN A 341 10.16 -7.79 -8.75
CA ASN A 341 9.91 -8.84 -9.77
C ASN A 341 8.40 -8.93 -10.12
N ASP A 342 7.47 -8.69 -9.18
CA ASP A 342 6.02 -8.79 -9.52
C ASP A 342 5.68 -7.72 -10.54
N ILE A 343 6.28 -6.54 -10.39
CA ILE A 343 6.03 -5.40 -11.32
C ILE A 343 6.65 -5.72 -12.68
N LEU A 344 7.92 -6.15 -12.70
CA LEU A 344 8.61 -6.49 -13.97
C LEU A 344 7.80 -7.57 -14.70
N LEU A 345 7.30 -8.60 -14.00
CA LEU A 345 6.54 -9.70 -14.64
C LEU A 345 5.21 -9.19 -15.18
N SER A 346 4.63 -8.20 -14.49
CA SER A 346 3.36 -7.56 -14.88
C SER A 346 3.57 -6.81 -16.20
N LYS A 347 4.66 -6.07 -16.32
CA LYS A 347 4.94 -5.31 -17.56
C LYS A 347 5.32 -6.29 -18.69
N GLU A 348 6.06 -7.37 -18.38
CA GLU A 348 6.45 -8.35 -19.43
C GLU A 348 5.19 -9.04 -19.99
N ALA A 349 4.07 -9.00 -19.27
CA ALA A 349 2.80 -9.60 -19.76
C ALA A 349 2.00 -8.56 -20.55
N GLY A 350 2.48 -7.32 -20.63
CA GLY A 350 1.87 -6.23 -21.41
C GLY A 350 1.03 -5.25 -20.59
N PHE A 351 0.96 -5.38 -19.27
CA PHE A 351 0.15 -4.47 -18.42
C PHE A 351 0.95 -3.22 -18.07
N ASN A 352 0.30 -2.05 -18.01
CA ASN A 352 1.02 -0.81 -17.58
C ASN A 352 0.76 -0.56 -16.09
N GLY A 353 -0.03 -1.40 -15.40
CA GLY A 353 -0.32 -1.13 -13.98
C GLY A 353 -1.10 -2.25 -13.35
N ALA A 354 -1.53 -2.06 -12.11
CA ALA A 354 -2.27 -3.10 -11.35
C ALA A 354 -3.33 -2.49 -10.44
N ARG A 355 -4.42 -3.22 -10.26
CA ARG A 355 -5.29 -2.98 -9.08
C ARG A 355 -4.65 -3.73 -7.91
N LEU A 356 -4.37 -3.02 -6.81
CA LEU A 356 -3.76 -3.62 -5.60
C LEU A 356 -4.88 -4.03 -4.67
N HIS A 357 -5.29 -5.28 -4.83
CA HIS A 357 -6.65 -5.74 -4.48
C HIS A 357 -6.70 -6.42 -3.11
N GLN A 358 -7.56 -5.89 -2.24
CA GLN A 358 -8.00 -6.50 -0.95
C GLN A 358 -6.82 -6.61 0.02
N LYS A 359 -5.94 -5.62 0.01
CA LYS A 359 -4.73 -5.60 0.85
C LYS A 359 -4.17 -4.19 0.80
N PHE A 360 -3.58 -3.73 1.90
CA PHE A 360 -2.70 -2.54 1.90
C PHE A 360 -1.31 -3.08 1.60
N PHE A 361 -0.75 -2.72 0.45
CA PHE A 361 0.56 -3.29 0.07
C PHE A 361 1.67 -2.69 0.96
N GLU A 362 2.83 -3.34 1.00
CA GLU A 362 4.03 -2.83 1.70
C GLU A 362 4.51 -1.58 0.96
N GLU A 363 5.03 -0.59 1.67
CA GLU A 363 5.49 0.71 1.11
C GLU A 363 6.49 0.49 -0.02
N ARG A 364 7.42 -0.46 0.14
CA ARG A 364 8.50 -0.59 -0.87
C ARG A 364 7.92 -1.12 -2.19
N PHE A 365 6.71 -1.68 -2.21
CA PHE A 365 6.02 -2.04 -3.48
C PHE A 365 5.75 -0.76 -4.28
N HIS A 366 5.18 0.28 -3.64
CA HIS A 366 4.92 1.60 -4.26
C HIS A 366 6.25 2.25 -4.70
N TYR A 367 7.31 2.06 -3.93
CA TYR A 367 8.68 2.50 -4.34
C TYR A 367 9.04 1.91 -5.72
N TRP A 368 8.96 0.59 -5.85
CA TRP A 368 9.35 -0.07 -7.12
C TRP A 368 8.36 0.28 -8.24
N ALA A 369 7.09 0.52 -7.93
CA ALA A 369 6.13 1.00 -8.95
C ALA A 369 6.54 2.40 -9.39
N ASP A 370 6.91 3.24 -8.43
CA ASP A 370 7.43 4.59 -8.74
C ASP A 370 8.65 4.47 -9.67
N LYS A 371 9.61 3.59 -9.33
CA LYS A 371 10.96 3.54 -9.97
C LYS A 371 10.85 2.90 -11.36
N LEU A 372 10.09 1.81 -11.48
CA LEU A 372 10.02 1.00 -12.72
C LEU A 372 8.99 1.55 -13.70
N GLY A 373 7.99 2.28 -13.20
CA GLY A 373 6.94 2.85 -14.07
C GLY A 373 5.76 1.93 -14.15
N PHE A 374 4.78 2.18 -13.30
CA PHE A 374 3.62 1.27 -13.13
C PHE A 374 2.54 2.07 -12.41
N ILE A 375 1.33 2.14 -12.95
CA ILE A 375 0.23 2.89 -12.29
C ILE A 375 -0.58 1.91 -11.45
N THR A 376 -1.10 2.36 -10.32
CA THR A 376 -1.83 1.47 -9.38
C THR A 376 -3.13 2.12 -8.89
N TRP A 377 -4.09 1.28 -8.51
CA TRP A 377 -5.23 1.71 -7.65
C TRP A 377 -4.89 1.30 -6.23
N GLY A 378 -4.95 2.24 -5.30
CA GLY A 378 -4.86 1.94 -3.86
C GLY A 378 -6.23 1.56 -3.34
N GLU A 379 -6.36 0.37 -2.75
CA GLU A 379 -7.65 -0.17 -2.29
C GLU A 379 -7.50 -0.59 -0.82
N SER A 380 -8.39 -1.41 -0.29
CA SER A 380 -8.32 -1.82 1.14
C SER A 380 -8.76 -3.25 1.28
N PRO A 381 -8.34 -3.92 2.38
CA PRO A 381 -8.83 -5.26 2.70
C PRO A 381 -10.22 -5.26 3.36
N ASN A 382 -11.22 -4.66 2.69
CA ASN A 382 -12.54 -4.42 3.35
C ASN A 382 -13.34 -5.72 3.50
N TRP A 383 -13.06 -6.77 2.72
CA TRP A 383 -13.76 -8.07 2.88
C TRP A 383 -13.51 -8.63 4.27
N GLY A 384 -14.51 -9.32 4.81
CA GLY A 384 -14.41 -9.99 6.12
C GLY A 384 -14.93 -9.10 7.22
N MET A 385 -15.31 -7.87 6.92
CA MET A 385 -16.00 -7.01 7.92
C MET A 385 -17.51 -7.28 7.84
N ASN A 386 -18.15 -7.28 8.99
CA ASN A 386 -19.64 -7.37 9.06
C ASN A 386 -20.13 -6.05 8.46
N PRO A 387 -20.85 -6.07 7.31
CA PRO A 387 -21.26 -4.83 6.66
C PRO A 387 -22.46 -4.17 7.35
N ASP A 388 -22.92 -4.72 8.49
CA ASP A 388 -23.95 -4.05 9.32
C ASP A 388 -23.34 -3.51 10.61
N ASP A 389 -22.02 -3.66 10.81
CA ASP A 389 -21.42 -3.29 12.12
C ASP A 389 -20.72 -1.94 11.96
N GLU A 390 -21.22 -0.92 12.66
CA GLU A 390 -20.66 0.46 12.64
C GLU A 390 -19.25 0.47 13.26
N VAL A 391 -18.93 -0.48 14.14
CA VAL A 391 -17.57 -0.59 14.72
C VAL A 391 -16.58 -1.02 13.62
N ALA A 392 -17.00 -1.93 12.73
CA ALA A 392 -16.16 -2.33 11.58
C ALA A 392 -15.88 -1.08 10.75
N SER A 393 -16.90 -0.27 10.51
CA SER A 393 -16.77 1.00 9.74
C SER A 393 -15.75 1.92 10.43
N ARG A 394 -15.91 2.15 11.71
CA ARG A 394 -15.02 2.94 12.62
C ARG A 394 -13.57 2.45 12.44
N ASN A 395 -13.35 1.13 12.45
CA ASN A 395 -11.99 0.53 12.34
C ASN A 395 -11.40 0.79 10.95
N LEU A 396 -12.19 0.61 9.88
CA LEU A 396 -11.69 0.83 8.49
C LEU A 396 -11.41 2.33 8.24
N LEU A 397 -12.19 3.24 8.84
CA LEU A 397 -11.96 4.69 8.61
C LEU A 397 -10.56 5.07 9.08
N SER A 398 -10.16 4.65 10.29
CA SER A 398 -8.84 4.96 10.88
C SER A 398 -7.71 4.28 10.11
N GLU A 399 -7.84 2.98 9.76
CA GLU A 399 -6.77 2.34 8.93
C GLU A 399 -6.62 3.13 7.62
N TRP A 400 -7.74 3.48 6.99
CA TRP A 400 -7.71 4.19 5.68
C TRP A 400 -6.98 5.53 5.82
N ILE A 401 -7.28 6.32 6.85
CA ILE A 401 -6.56 7.58 7.15
C ILE A 401 -5.06 7.30 7.31
N GLU A 402 -4.70 6.28 8.08
CA GLU A 402 -3.27 5.93 8.28
C GLU A 402 -2.62 5.62 6.93
N ILE A 403 -3.33 4.97 6.01
CA ILE A 403 -2.72 4.58 4.71
C ILE A 403 -2.61 5.80 3.78
N LEU A 404 -3.62 6.67 3.78
CA LEU A 404 -3.53 7.93 2.99
C LEU A 404 -2.31 8.74 3.48
N GLU A 405 -2.12 8.86 4.79
CA GLU A 405 -0.95 9.53 5.41
C GLU A 405 0.35 8.85 4.93
N ARG A 406 0.36 7.52 4.87
CA ARG A 406 1.59 6.74 4.51
C ARG A 406 1.93 6.92 3.02
N ASP A 407 0.93 6.90 2.13
CA ASP A 407 1.18 6.63 0.69
C ASP A 407 0.89 7.83 -0.24
N ARG A 408 0.45 8.98 0.29
CA ARG A 408 -0.04 10.14 -0.50
C ARG A 408 1.03 10.70 -1.45
N ASN A 409 2.33 10.51 -1.21
CA ASN A 409 3.36 11.12 -2.09
C ASN A 409 3.73 10.22 -3.28
N HIS A 410 3.10 9.04 -3.49
CA HIS A 410 3.55 8.08 -4.55
C HIS A 410 2.96 8.42 -5.91
N PRO A 411 3.78 8.78 -6.92
CA PRO A 411 3.28 9.05 -8.26
C PRO A 411 2.60 7.83 -8.89
N SER A 412 2.97 6.59 -8.51
CA SER A 412 2.42 5.40 -9.17
C SER A 412 0.92 5.28 -8.84
N ILE A 413 0.50 5.63 -7.62
CA ILE A 413 -0.95 5.57 -7.22
C ILE A 413 -1.70 6.66 -7.97
N ILE A 414 -2.65 6.29 -8.82
CA ILE A 414 -3.40 7.31 -9.62
C ILE A 414 -4.91 7.21 -9.37
N THR A 415 -5.34 6.33 -8.47
CA THR A 415 -6.78 6.21 -8.13
C THR A 415 -6.88 5.55 -6.77
N TRP A 416 -7.78 6.03 -5.92
CA TRP A 416 -8.21 5.37 -4.66
C TRP A 416 -9.52 4.63 -4.91
N ALA A 417 -9.61 3.41 -4.44
CA ALA A 417 -10.82 2.57 -4.60
C ALA A 417 -10.95 1.71 -3.35
N PRO A 418 -11.42 2.30 -2.22
CA PRO A 418 -11.32 1.63 -0.93
C PRO A 418 -12.35 0.52 -0.65
N LEU A 419 -13.35 0.33 -1.51
CA LEU A 419 -14.41 -0.66 -1.21
C LEU A 419 -14.72 -1.53 -2.43
N THR A 420 -14.69 -2.85 -2.19
CA THR A 420 -15.24 -3.89 -3.09
C THR A 420 -16.54 -4.43 -2.46
N VAL A 421 -17.63 -4.50 -3.24
CA VAL A 421 -18.92 -5.05 -2.73
C VAL A 421 -18.63 -6.44 -2.18
N PRO A 422 -19.16 -6.79 -0.99
CA PRO A 422 -19.04 -8.16 -0.48
C PRO A 422 -19.86 -9.14 -1.33
N LEU A 423 -19.68 -10.44 -1.11
CA LEU A 423 -20.39 -11.50 -1.88
C LEU A 423 -21.84 -11.61 -1.38
N SER A 428 -30.40 -1.69 6.05
CA SER A 428 -28.96 -2.03 6.23
C SER A 428 -28.09 -1.00 5.47
N GLY A 429 -28.29 0.29 5.75
CA GLY A 429 -27.57 1.38 5.08
C GLY A 429 -26.20 1.62 5.70
N THR A 430 -25.68 0.71 6.55
CA THR A 430 -24.35 0.89 7.18
C THR A 430 -23.32 0.93 6.05
N PHE A 431 -23.45 0.03 5.08
CA PHE A 431 -22.47 -0.05 3.96
C PHE A 431 -22.55 1.23 3.12
N ALA A 432 -23.76 1.66 2.77
CA ALA A 432 -23.99 2.87 1.94
C ALA A 432 -23.43 4.10 2.66
N ARG A 433 -23.72 4.22 3.95
CA ARG A 433 -23.11 5.25 4.83
C ARG A 433 -21.57 5.26 4.72
N LEU A 434 -20.93 4.12 4.87
CA LEU A 434 -19.45 4.00 4.74
C LEU A 434 -18.98 4.40 3.33
N VAL A 435 -19.74 4.08 2.30
CA VAL A 435 -19.36 4.47 0.91
C VAL A 435 -19.22 5.99 0.84
N PHE A 436 -20.23 6.73 1.29
CA PHE A 436 -20.22 8.22 1.23
C PHE A 436 -19.18 8.80 2.17
N ASP A 437 -19.03 8.22 3.36
CA ASP A 437 -18.01 8.70 4.33
C ASP A 437 -16.60 8.57 3.75
N LEU A 438 -16.25 7.42 3.14
CA LEU A 438 -14.90 7.28 2.55
C LEU A 438 -14.73 8.26 1.38
N GLN A 439 -15.79 8.55 0.61
CA GLN A 439 -15.68 9.48 -0.54
C GLN A 439 -15.34 10.88 0.00
N LYS A 440 -16.07 11.33 1.01
CA LYS A 440 -15.89 12.70 1.56
C LYS A 440 -14.53 12.81 2.24
N LEU A 441 -14.16 11.82 3.05
CA LEU A 441 -12.86 11.74 3.77
C LEU A 441 -11.70 11.77 2.78
N THR A 442 -11.78 10.99 1.72
CA THR A 442 -10.66 10.82 0.77
C THR A 442 -10.49 12.12 -0.05
N LYS A 443 -11.59 12.74 -0.48
CA LYS A 443 -11.56 14.03 -1.22
C LYS A 443 -10.95 15.11 -0.34
N ALA A 444 -11.32 15.15 0.93
CA ALA A 444 -10.79 16.14 1.90
C ALA A 444 -9.29 15.94 2.13
N ILE A 445 -8.82 14.69 2.21
CA ILE A 445 -7.38 14.43 2.51
C ILE A 445 -6.56 14.61 1.23
N ASP A 446 -7.07 14.14 0.09
CA ASP A 446 -6.26 14.05 -1.15
C ASP A 446 -7.11 14.32 -2.39
N PRO A 447 -7.32 15.58 -2.79
CA PRO A 447 -8.03 15.85 -4.04
C PRO A 447 -7.23 15.58 -5.33
N SER A 448 -5.97 15.15 -5.25
CA SER A 448 -5.08 14.99 -6.43
C SER A 448 -5.41 13.72 -7.25
N ARG A 449 -6.16 12.74 -6.73
CA ARG A 449 -6.37 11.47 -7.45
C ARG A 449 -7.85 11.22 -7.62
N PRO A 450 -8.30 10.74 -8.80
CA PRO A 450 -9.65 10.22 -8.92
C PRO A 450 -10.00 9.18 -7.86
N PHE A 451 -11.26 9.19 -7.47
CA PHE A 451 -11.88 8.33 -6.46
C PHE A 451 -12.90 7.39 -7.12
N ASN A 452 -12.75 6.08 -6.90
CA ASN A 452 -13.74 5.06 -7.30
C ASN A 452 -14.43 4.53 -6.02
N ASP A 453 -15.73 4.68 -5.93
CA ASP A 453 -16.44 4.50 -4.63
C ASP A 453 -16.68 3.02 -4.35
N LEU A 454 -16.82 2.19 -5.40
CA LEU A 454 -17.32 0.80 -5.25
C LEU A 454 -16.88 -0.04 -6.43
N THR A 455 -16.21 -1.16 -6.19
CA THR A 455 -15.75 -2.09 -7.27
C THR A 455 -16.45 -3.43 -7.10
N GLY A 456 -16.44 -4.24 -8.17
CA GLY A 456 -16.89 -5.64 -8.13
C GLY A 456 -18.37 -5.83 -8.50
N SER A 457 -19.06 -4.75 -8.85
CA SER A 457 -20.45 -4.78 -9.37
C SER A 457 -20.56 -3.73 -10.48
N GLY A 458 -21.76 -3.42 -10.96
CA GLY A 458 -21.94 -2.30 -11.88
C GLY A 458 -22.55 -1.09 -11.19
N PHE A 459 -22.71 -1.14 -9.87
CA PHE A 459 -23.46 -0.09 -9.12
C PHE A 459 -22.47 0.91 -8.51
N HIS A 460 -22.80 2.21 -8.60
CA HIS A 460 -22.03 3.32 -7.95
C HIS A 460 -23.00 4.25 -7.21
N PHE A 461 -22.53 4.87 -6.12
CA PHE A 461 -23.24 5.90 -5.33
C PHE A 461 -22.75 7.29 -5.74
N LEU A 462 -21.44 7.48 -5.82
CA LEU A 462 -20.81 8.78 -6.07
C LEU A 462 -19.36 8.52 -6.48
N THR A 463 -19.06 8.54 -7.78
CA THR A 463 -17.77 8.03 -8.31
C THR A 463 -17.19 8.98 -9.36
N ASP A 464 -15.85 9.06 -9.41
CA ASP A 464 -15.08 9.66 -10.54
C ASP A 464 -14.89 8.62 -11.63
N ILE A 465 -15.07 7.33 -11.30
CA ILE A 465 -14.69 6.22 -12.23
C ILE A 465 -15.88 5.27 -12.39
N TRP A 466 -16.35 5.05 -13.62
CA TRP A 466 -17.48 4.12 -13.86
C TRP A 466 -16.96 2.72 -14.18
N SER A 467 -16.63 1.95 -13.15
CA SER A 467 -16.12 0.56 -13.30
C SER A 467 -17.30 -0.40 -13.34
N ILE A 468 -17.15 -1.46 -14.14
CA ILE A 468 -18.09 -2.62 -14.14
C ILE A 468 -17.24 -3.88 -14.10
N SER A 469 -17.89 -4.96 -13.69
CA SER A 469 -17.34 -6.33 -13.61
C SER A 469 -18.15 -7.21 -14.56
N THR A 470 -17.49 -7.91 -15.49
CA THR A 470 -18.16 -8.81 -16.48
C THR A 470 -17.26 -10.04 -16.71
N TYR A 471 -17.69 -11.21 -16.21
CA TYR A 471 -17.05 -12.52 -16.47
C TYR A 471 -17.88 -13.35 -17.46
N GLU A 472 -18.78 -12.73 -18.21
CA GLU A 472 -19.61 -13.40 -19.25
C GLU A 472 -18.69 -14.20 -20.18
N PRO A 473 -18.78 -15.56 -20.20
CA PRO A 473 -17.82 -16.38 -20.95
C PRO A 473 -17.97 -16.23 -22.47
N ASP A 474 -19.20 -16.12 -22.97
CA ASP A 474 -19.52 -15.99 -24.42
C ASP A 474 -19.12 -14.59 -24.92
N ALA A 475 -18.26 -14.54 -25.92
CA ALA A 475 -17.59 -13.31 -26.39
C ALA A 475 -18.57 -12.38 -27.15
N THR A 476 -19.70 -12.92 -27.63
CA THR A 476 -20.76 -12.11 -28.29
C THR A 476 -21.56 -11.41 -27.17
N ARG A 477 -22.00 -12.18 -26.16
CA ARG A 477 -22.71 -11.70 -24.93
C ARG A 477 -21.80 -10.71 -24.17
N PHE A 478 -20.50 -10.98 -24.17
CA PHE A 478 -19.46 -10.15 -23.52
C PHE A 478 -19.44 -8.75 -24.14
N ALA A 479 -19.41 -8.67 -25.47
CA ALA A 479 -19.32 -7.38 -26.19
C ALA A 479 -20.53 -6.51 -25.84
N LEU A 480 -21.71 -7.14 -25.66
CA LEU A 480 -22.99 -6.41 -25.40
C LEU A 480 -23.03 -5.96 -23.94
N SER A 481 -22.46 -6.73 -23.00
CA SER A 481 -22.30 -6.31 -21.58
C SER A 481 -21.38 -5.08 -21.44
N LEU A 482 -20.69 -4.64 -22.50
CA LEU A 482 -19.62 -3.59 -22.40
C LEU A 482 -20.22 -2.18 -22.49
N LYS A 483 -21.22 -1.86 -21.66
CA LYS A 483 -21.84 -0.50 -21.60
C LYS A 483 -22.16 -0.12 -20.16
N PRO A 484 -22.05 1.18 -19.80
CA PRO A 484 -22.45 1.63 -18.48
C PRO A 484 -23.99 1.70 -18.40
N ASP A 485 -24.53 1.54 -17.19
CA ASP A 485 -25.97 1.77 -16.88
C ASP A 485 -26.18 3.27 -16.59
N LYS A 486 -26.45 4.06 -17.64
CA LYS A 486 -26.62 5.54 -17.57
C LYS A 486 -27.93 5.92 -16.84
N ASN A 487 -28.82 4.96 -16.56
CA ASN A 487 -30.08 5.20 -15.79
C ASN A 487 -29.79 5.34 -14.31
N GLN A 488 -28.62 4.88 -13.84
CA GLN A 488 -28.20 5.08 -12.42
C GLN A 488 -27.98 6.57 -12.17
N ALA A 489 -28.48 7.03 -11.02
CA ALA A 489 -28.43 8.43 -10.58
C ALA A 489 -26.98 8.89 -10.55
N ALA A 490 -26.04 7.99 -10.21
CA ALA A 490 -24.62 8.37 -10.05
C ALA A 490 -23.96 8.65 -11.41
N TYR A 491 -24.55 8.14 -12.50
CA TYR A 491 -23.92 8.21 -13.83
C TYR A 491 -23.79 9.68 -14.21
N ALA A 492 -22.57 10.12 -14.57
CA ALA A 492 -22.22 11.53 -14.87
C ALA A 492 -21.10 11.59 -15.90
N ASN A 493 -21.12 10.68 -16.88
CA ASN A 493 -20.15 10.66 -18.02
C ASN A 493 -18.72 10.47 -17.52
N GLN A 494 -18.54 9.62 -16.50
CA GLN A 494 -17.19 9.32 -15.95
C GLN A 494 -16.46 8.42 -16.94
N PRO A 495 -15.11 8.37 -16.91
CA PRO A 495 -14.37 7.34 -17.66
C PRO A 495 -14.91 5.96 -17.30
N PHE A 496 -15.14 5.14 -18.32
CA PHE A 496 -15.73 3.79 -18.23
C PHE A 496 -14.60 2.74 -18.23
N ILE A 497 -14.46 2.01 -17.13
CA ILE A 497 -13.36 1.02 -16.96
C ILE A 497 -13.94 -0.36 -16.70
N ILE A 498 -13.41 -1.38 -17.37
CA ILE A 498 -13.79 -2.78 -17.08
C ILE A 498 -12.90 -3.26 -15.91
N GLY A 499 -13.43 -3.15 -14.70
CA GLY A 499 -12.67 -3.33 -13.44
C GLY A 499 -12.27 -4.77 -13.21
N GLU A 500 -13.05 -5.72 -13.71
CA GLU A 500 -12.84 -7.18 -13.58
C GLU A 500 -13.31 -7.90 -14.85
N PHE A 501 -12.46 -8.72 -15.44
CA PHE A 501 -12.84 -9.62 -16.56
C PHE A 501 -11.78 -10.68 -16.72
N GLY A 502 -12.07 -11.69 -17.54
CA GLY A 502 -11.14 -12.80 -17.81
C GLY A 502 -11.28 -13.88 -16.77
N GLY A 503 -10.30 -14.05 -15.89
CA GLY A 503 -10.38 -15.09 -14.86
C GLY A 503 -10.29 -16.50 -15.44
N ILE A 504 -9.62 -16.68 -16.56
CA ILE A 504 -9.59 -18.03 -17.20
C ILE A 504 -8.76 -18.99 -16.33
N VAL A 505 -9.37 -20.09 -15.91
CA VAL A 505 -8.67 -21.14 -15.11
C VAL A 505 -7.82 -21.98 -16.08
N TRP A 506 -6.62 -22.36 -15.66
CA TRP A 506 -5.71 -23.16 -16.52
C TRP A 506 -4.69 -23.90 -15.68
N GLU A 507 -4.63 -25.23 -15.83
CA GLU A 507 -3.65 -26.19 -15.24
C GLU A 507 -3.20 -25.68 -13.86
N GLU A 525 -3.58 -24.79 -25.64
CA GLU A 525 -2.99 -23.44 -25.40
C GLU A 525 -3.59 -22.46 -26.41
N ASP A 526 -3.55 -22.79 -27.71
CA ASP A 526 -4.07 -21.94 -28.81
C ASP A 526 -5.51 -21.49 -28.50
N ALA A 527 -6.32 -22.42 -28.00
CA ALA A 527 -7.71 -22.22 -27.55
C ALA A 527 -7.73 -21.14 -26.46
N LEU A 528 -6.87 -21.30 -25.46
CA LEU A 528 -6.78 -20.31 -24.36
C LEU A 528 -6.47 -18.92 -24.94
N PHE A 529 -5.48 -18.80 -25.82
CA PHE A 529 -5.08 -17.51 -26.41
C PHE A 529 -6.25 -16.89 -27.18
N GLU A 530 -7.03 -17.71 -27.90
CA GLU A 530 -8.19 -17.22 -28.69
C GLU A 530 -9.18 -16.54 -27.73
N ARG A 531 -9.58 -17.27 -26.70
CA ARG A 531 -10.51 -16.78 -25.66
C ARG A 531 -10.05 -15.41 -25.16
N ILE A 532 -8.80 -15.29 -24.69
CA ILE A 532 -8.34 -14.01 -24.10
C ILE A 532 -8.33 -12.93 -25.19
N GLU A 533 -7.87 -13.27 -26.39
CA GLU A 533 -7.77 -12.30 -27.51
C GLU A 533 -9.17 -11.80 -27.92
N LYS A 534 -10.18 -12.66 -27.87
CA LYS A 534 -11.58 -12.28 -28.19
C LYS A 534 -12.07 -11.20 -27.21
N LEU A 535 -11.69 -11.31 -25.92
CA LEU A 535 -12.13 -10.34 -24.88
C LEU A 535 -11.44 -9.01 -25.15
N ILE A 536 -10.13 -9.02 -25.38
CA ILE A 536 -9.33 -7.78 -25.63
C ILE A 536 -9.82 -7.11 -26.92
N ASN A 537 -10.18 -7.87 -27.97
CA ASN A 537 -10.63 -7.24 -29.24
C ASN A 537 -12.00 -6.59 -29.02
N ALA A 538 -12.89 -7.21 -28.27
CA ALA A 538 -14.22 -6.65 -27.92
C ALA A 538 -14.03 -5.33 -27.15
N ILE A 539 -13.13 -5.32 -26.17
CA ILE A 539 -12.80 -4.07 -25.43
C ILE A 539 -12.25 -3.04 -26.43
N GLN A 540 -11.31 -3.45 -27.30
CA GLN A 540 -10.69 -2.52 -28.29
C GLN A 540 -11.76 -1.96 -29.24
N SER A 541 -12.66 -2.81 -29.74
CA SER A 541 -13.71 -2.46 -30.74
C SER A 541 -14.75 -1.53 -30.11
N SER A 542 -14.95 -1.62 -28.80
CA SER A 542 -15.97 -0.82 -28.08
C SER A 542 -15.96 0.64 -28.51
N GLY A 543 -14.81 1.31 -28.41
CA GLY A 543 -14.71 2.77 -28.67
C GLY A 543 -15.10 3.67 -27.48
N ILE A 544 -15.66 3.13 -26.39
CA ILE A 544 -16.09 3.96 -25.22
C ILE A 544 -15.40 3.53 -23.92
N ILE A 545 -14.39 2.65 -23.97
CA ILE A 545 -13.72 2.12 -22.76
C ILE A 545 -12.40 2.85 -22.53
N SER A 546 -12.11 3.22 -21.28
CA SER A 546 -10.89 3.99 -20.87
C SER A 546 -9.84 3.06 -20.22
N GLY A 547 -10.19 1.81 -19.95
CA GLY A 547 -9.20 0.93 -19.33
C GLY A 547 -9.81 -0.38 -18.94
N PHE A 548 -8.95 -1.32 -18.58
CA PHE A 548 -9.39 -2.66 -18.12
C PHE A 548 -8.48 -3.14 -17.00
N CYS A 549 -8.95 -4.15 -16.27
CA CYS A 549 -8.11 -4.89 -15.30
C CYS A 549 -8.40 -6.37 -15.42
N TYR A 550 -7.37 -7.15 -15.77
CA TYR A 550 -7.46 -8.62 -15.99
C TYR A 550 -7.30 -9.35 -14.66
N THR A 551 -8.19 -10.29 -14.40
CA THR A 551 -8.15 -11.22 -13.25
C THR A 551 -7.39 -12.46 -13.69
N GLN A 552 -6.19 -12.73 -13.15
CA GLN A 552 -5.41 -11.89 -12.24
C GLN A 552 -3.94 -12.14 -12.54
N PHE A 553 -3.06 -11.54 -11.75
CA PHE A 553 -1.58 -11.58 -11.96
C PHE A 553 -1.07 -13.01 -11.83
N SER A 554 -1.26 -13.63 -10.66
CA SER A 554 -0.76 -15.00 -10.43
C SER A 554 -1.86 -15.89 -9.92
N ASP A 555 -1.67 -17.19 -10.12
CA ASP A 555 -2.40 -18.23 -9.36
C ASP A 555 -2.18 -17.95 -7.87
N ILE A 556 -3.14 -18.27 -7.02
CA ILE A 556 -2.92 -18.22 -5.56
C ILE A 556 -3.62 -19.44 -4.97
N GLU A 557 -2.84 -20.31 -4.32
CA GLU A 557 -3.28 -21.62 -3.77
C GLU A 557 -4.17 -22.32 -4.82
N GLN A 558 -5.42 -22.58 -4.46
CA GLN A 558 -6.38 -23.39 -5.26
C GLN A 558 -6.88 -22.61 -6.47
N GLU A 559 -6.75 -21.27 -6.47
CA GLU A 559 -7.26 -20.45 -7.60
C GLU A 559 -6.21 -20.38 -8.72
N LYS A 560 -6.43 -21.08 -9.83
CA LYS A 560 -5.43 -21.21 -10.91
C LYS A 560 -5.78 -20.30 -12.08
N ASN A 561 -6.06 -19.02 -11.81
CA ASN A 561 -6.55 -18.09 -12.86
C ASN A 561 -5.55 -16.96 -13.10
N GLY A 562 -4.28 -17.22 -12.82
CA GLY A 562 -3.22 -16.21 -13.04
C GLY A 562 -2.68 -16.28 -14.46
N ILE A 563 -1.99 -15.22 -14.86
CA ILE A 563 -1.05 -15.24 -16.01
C ILE A 563 0.19 -16.05 -15.60
N TYR A 564 0.56 -15.96 -14.32
CA TYR A 564 1.74 -16.66 -13.78
C TYR A 564 1.28 -17.68 -12.76
N THR A 565 2.14 -18.65 -12.51
CA THR A 565 1.95 -19.65 -11.43
C THR A 565 2.12 -18.87 -10.12
N TYR A 566 1.75 -19.48 -9.00
CA TYR A 566 1.88 -18.84 -7.67
C TYR A 566 3.35 -18.55 -7.38
N ASP A 567 4.27 -19.39 -7.84
CA ASP A 567 5.74 -19.17 -7.67
C ASP A 567 6.30 -18.34 -8.85
N ARG A 568 5.43 -17.61 -9.56
CA ARG A 568 5.81 -16.55 -10.53
C ARG A 568 6.49 -17.17 -11.77
N GLN A 569 6.06 -18.36 -12.20
CA GLN A 569 6.60 -18.98 -13.42
C GLN A 569 5.60 -18.73 -14.53
N PRO A 570 6.05 -18.39 -15.77
CA PRO A 570 5.15 -18.34 -16.93
C PRO A 570 4.32 -19.62 -17.08
N LYS A 571 3.06 -19.47 -17.41
CA LYS A 571 2.14 -20.60 -17.72
C LYS A 571 2.07 -20.77 -19.23
N PHE A 572 2.35 -19.71 -20.00
CA PHE A 572 2.05 -19.62 -21.44
C PHE A 572 3.25 -19.03 -22.17
N GLU A 573 3.24 -19.17 -23.49
CA GLU A 573 4.14 -18.44 -24.40
C GLU A 573 3.98 -16.94 -24.19
N MET A 574 4.99 -16.30 -23.61
CA MET A 574 4.93 -14.90 -23.14
C MET A 574 4.85 -13.92 -24.32
N GLU A 575 5.47 -14.25 -25.44
CA GLU A 575 5.44 -13.42 -26.68
C GLU A 575 3.97 -13.22 -27.08
N ARG A 576 3.22 -14.31 -27.09
CA ARG A 576 1.79 -14.34 -27.44
C ARG A 576 0.99 -13.49 -26.43
N ILE A 577 1.07 -13.83 -25.13
CA ILE A 577 0.40 -13.10 -24.00
C ILE A 577 0.60 -11.60 -24.19
N ARG A 578 1.86 -11.18 -24.30
CA ARG A 578 2.25 -9.76 -24.34
C ARG A 578 1.61 -9.10 -25.58
N SER A 579 1.66 -9.74 -26.75
CA SER A 579 1.13 -9.15 -28.01
C SER A 579 -0.39 -8.95 -27.85
N ILE A 580 -1.06 -9.79 -27.04
CA ILE A 580 -2.52 -9.64 -26.82
C ILE A 580 -2.81 -8.47 -25.86
N PHE A 581 -2.20 -8.47 -24.67
CA PHE A 581 -2.49 -7.49 -23.59
C PHE A 581 -1.95 -6.10 -23.95
N GLU A 582 -0.87 -6.03 -24.74
CA GLU A 582 -0.27 -4.74 -25.18
C GLU A 582 -1.01 -4.11 -26.39
N LYS A 583 -2.02 -4.77 -26.95
CA LYS A 583 -2.62 -4.37 -28.25
C LYS A 583 -3.16 -2.93 -28.19
N ILE A 584 -3.87 -2.57 -27.11
CA ILE A 584 -4.41 -1.20 -26.93
C ILE A 584 -3.30 -0.33 -26.37
N PRO A 585 -2.82 0.70 -27.12
CA PRO A 585 -1.70 1.51 -26.65
C PRO A 585 -2.05 2.37 -25.41
N SER A 586 -1.03 2.67 -24.63
CA SER A 586 -1.14 3.53 -23.41
C SER A 586 -1.66 4.90 -23.84
N ARG A 587 -1.03 5.47 -24.88
CA ARG A 587 -1.38 6.79 -25.47
C ARG A 587 -2.11 6.55 -26.79
N PRO A 588 -3.43 6.84 -26.91
CA PRO A 588 -4.18 6.51 -28.12
C PRO A 588 -3.66 7.20 -29.41
N ILE A 589 -4.01 6.64 -30.58
CA ILE A 589 -3.80 7.27 -31.93
C ILE A 589 -2.32 7.65 -32.11
#